data_2P4W
#
_entry.id   2P4W
#
_cell.length_a   52.389
_cell.length_b   82.854
_cell.length_c   114.492
_cell.angle_alpha   90.00
_cell.angle_beta   90.00
_cell.angle_gamma   90.00
#
_symmetry.space_group_name_H-M   'P 21 21 2'
#
loop_
_entity.id
_entity.type
_entity.pdbx_description
1 polymer 'Transcriptional regulatory protein arsR family'
2 non-polymer 'SULFATE ION'
3 water water
#
_entity_poly.entity_id   1
_entity_poly.type   'polypeptide(L)'
_entity_poly.pdbx_seq_one_letter_code
;MGEELNRLLDVLGNETRRRILFLLTKRPYFVSELSRELGVGQKAVLEHLRILEEAGLIESRVEKIPRGRPRKYYMIKKGL
RLEILLTPTLFGSEMYEAKGVRKSPEYEQAKELIKSQEPINVKMRELAEFLHELNERIREIIEEKRELEEARILIETYIE
NTMRRLAEENRQIIEEIFRDIEKILPPGYARSLKEKFLNINI
;
_entity_poly.pdbx_strand_id   A,B
#
# COMPACT_ATOMS: atom_id res chain seq x y z
N MET A 1 7.50 13.02 -2.03
CA MET A 1 7.46 11.58 -1.62
C MET A 1 7.84 11.45 -0.15
N GLY A 2 7.24 10.50 0.57
CA GLY A 2 7.57 10.32 1.96
C GLY A 2 9.02 9.87 2.21
N GLU A 3 9.58 10.37 3.29
CA GLU A 3 10.69 9.74 4.02
C GLU A 3 10.69 8.19 4.04
N GLU A 4 9.67 7.67 4.70
CA GLU A 4 9.45 6.27 4.97
C GLU A 4 9.30 5.48 3.68
N LEU A 5 8.45 5.93 2.75
CA LEU A 5 8.27 5.17 1.51
C LEU A 5 9.58 5.00 0.84
N ASN A 6 10.28 6.10 0.79
CA ASN A 6 11.54 6.11 0.15
C ASN A 6 12.60 5.20 0.73
N ARG A 7 12.82 5.22 2.04
CA ARG A 7 13.77 4.27 2.64
C ARG A 7 13.32 2.85 2.34
N LEU A 8 12.04 2.60 2.63
CA LEU A 8 11.42 1.29 2.46
C LEU A 8 11.66 0.70 1.13
N LEU A 9 11.38 1.40 0.06
CA LEU A 9 11.59 0.77 -1.21
C LEU A 9 13.06 0.60 -1.60
N ASP A 10 13.95 1.37 -0.98
CA ASP A 10 15.36 1.15 -1.25
C ASP A 10 15.72 -0.16 -0.54
N VAL A 11 15.20 -0.33 0.67
CA VAL A 11 15.50 -1.54 1.39
C VAL A 11 14.96 -2.74 0.60
N LEU A 12 13.73 -2.68 0.15
CA LEU A 12 13.20 -3.82 -0.54
C LEU A 12 13.67 -3.99 -1.99
N GLY A 13 14.40 -3.01 -2.53
CA GLY A 13 14.74 -3.03 -3.97
C GLY A 13 15.93 -3.94 -4.28
N ASN A 14 16.66 -4.29 -3.22
CA ASN A 14 17.74 -5.23 -3.27
C ASN A 14 17.21 -6.68 -3.18
N GLU A 15 17.45 -7.45 -4.27
CA GLU A 15 16.91 -8.78 -4.43
C GLU A 15 17.28 -9.67 -3.25
N THR A 16 18.50 -9.53 -2.74
CA THR A 16 18.88 -10.38 -1.64
C THR A 16 18.12 -10.03 -0.41
N ARG A 17 17.80 -8.75 -0.21
CA ARG A 17 17.04 -8.41 0.99
C ARG A 17 15.65 -9.00 0.83
N ARG A 18 15.07 -8.82 -0.35
CA ARG A 18 13.74 -9.35 -0.57
C ARG A 18 13.85 -10.83 -0.29
N ARG A 19 14.76 -11.54 -0.95
CA ARG A 19 14.74 -12.98 -0.74
C ARG A 19 14.79 -13.34 0.74
N ILE A 20 15.52 -12.57 1.53
CA ILE A 20 15.69 -12.88 2.94
C ILE A 20 14.34 -12.72 3.58
N LEU A 21 13.60 -11.68 3.20
CA LEU A 21 12.27 -11.49 3.79
C LEU A 21 11.31 -12.60 3.42
N PHE A 22 11.35 -13.11 2.20
CA PHE A 22 10.45 -14.24 1.90
C PHE A 22 10.68 -15.43 2.88
N LEU A 23 11.94 -15.83 3.02
CA LEU A 23 12.31 -16.94 3.87
C LEU A 23 11.83 -16.79 5.31
N LEU A 24 12.10 -15.64 5.92
CA LEU A 24 11.59 -15.31 7.29
C LEU A 24 10.05 -15.49 7.48
N THR A 25 9.33 -15.41 6.36
CA THR A 25 7.87 -15.64 6.24
C THR A 25 7.53 -17.08 6.62
N LYS A 26 8.45 -18.00 6.33
CA LYS A 26 8.20 -19.43 6.52
C LYS A 26 8.50 -19.81 7.97
N ARG A 27 9.60 -19.27 8.48
CA ARG A 27 10.11 -19.60 9.80
C ARG A 27 11.31 -18.72 10.15
N PRO A 28 11.69 -18.66 11.42
CA PRO A 28 12.89 -17.87 11.70
C PRO A 28 14.13 -18.61 11.20
N TYR A 29 15.16 -17.88 10.76
CA TYR A 29 16.38 -18.51 10.27
C TYR A 29 17.55 -18.04 11.08
N PHE A 30 18.57 -18.90 11.23
CA PHE A 30 19.90 -18.54 11.74
C PHE A 30 20.64 -18.10 10.47
N VAL A 31 21.67 -17.29 10.61
CA VAL A 31 22.42 -16.77 9.47
C VAL A 31 23.00 -17.82 8.52
N SER A 32 23.64 -18.88 9.06
CA SER A 32 24.18 -19.91 8.19
C SER A 32 23.10 -20.51 7.28
N GLU A 33 21.93 -20.82 7.84
CA GLU A 33 20.80 -21.34 7.07
C GLU A 33 20.50 -20.44 5.84
N LEU A 34 20.37 -19.13 6.04
CA LEU A 34 20.14 -18.17 4.94
C LEU A 34 21.28 -18.16 3.93
N SER A 35 22.49 -18.10 4.42
CA SER A 35 23.63 -18.10 3.52
C SER A 35 23.55 -19.27 2.51
N ARG A 36 23.31 -20.47 3.03
CA ARG A 36 23.33 -21.72 2.29
C ARG A 36 22.19 -21.72 1.30
N GLU A 37 20.97 -21.58 1.80
CA GLU A 37 19.79 -21.57 0.94
C GLU A 37 19.82 -20.52 -0.17
N LEU A 38 20.33 -19.32 0.12
CA LEU A 38 20.49 -18.29 -0.89
C LEU A 38 21.84 -18.36 -1.58
N GLY A 39 22.77 -19.14 -1.03
CA GLY A 39 24.16 -19.18 -1.52
C GLY A 39 24.76 -17.78 -1.70
N VAL A 40 24.79 -17.00 -0.62
CA VAL A 40 25.30 -15.63 -0.72
C VAL A 40 26.60 -15.37 0.07
N GLY A 41 26.63 -15.82 1.32
CA GLY A 41 27.87 -15.68 2.09
C GLY A 41 27.46 -14.94 3.31
N GLN A 42 27.91 -15.45 4.44
CA GLN A 42 27.55 -14.93 5.72
C GLN A 42 27.94 -13.45 5.95
N LYS A 43 28.93 -12.98 5.20
CA LYS A 43 29.35 -11.59 5.21
C LYS A 43 28.20 -10.66 4.78
N ALA A 44 27.73 -10.90 3.57
CA ALA A 44 26.71 -10.10 2.95
C ALA A 44 25.38 -10.25 3.67
N VAL A 45 25.06 -11.48 4.07
CA VAL A 45 23.77 -11.73 4.70
C VAL A 45 23.67 -10.91 5.98
N LEU A 46 24.61 -11.10 6.89
CA LEU A 46 24.62 -10.34 8.13
C LEU A 46 24.47 -8.84 7.91
N GLU A 47 25.00 -8.35 6.79
CA GLU A 47 24.89 -6.95 6.41
C GLU A 47 23.49 -6.59 5.91
N HIS A 48 22.87 -7.42 5.07
CA HIS A 48 21.49 -7.20 4.65
C HIS A 48 20.53 -7.22 5.86
N LEU A 49 20.58 -8.30 6.61
CA LEU A 49 19.96 -8.41 7.93
C LEU A 49 20.13 -7.18 8.85
N ARG A 50 21.28 -6.57 8.79
CA ARG A 50 21.48 -5.36 9.53
C ARG A 50 20.59 -4.30 8.95
N ILE A 51 20.58 -4.20 7.62
CA ILE A 51 19.85 -3.10 7.00
C ILE A 51 18.38 -3.19 7.31
N LEU A 52 17.86 -4.43 7.38
CA LEU A 52 16.42 -4.72 7.61
C LEU A 52 16.00 -4.48 9.05
N GLU A 53 16.94 -4.72 9.97
CA GLU A 53 16.67 -4.47 11.38
C GLU A 53 16.56 -2.98 11.58
N GLU A 54 17.38 -2.24 10.85
CA GLU A 54 17.40 -0.78 10.97
C GLU A 54 16.19 -0.11 10.35
N ALA A 55 15.69 -0.71 9.29
CA ALA A 55 14.43 -0.27 8.72
C ALA A 55 13.24 -0.87 9.48
N GLY A 56 13.47 -1.46 10.65
CA GLY A 56 12.37 -1.88 11.52
C GLY A 56 11.56 -3.07 11.03
N LEU A 57 12.10 -3.86 10.09
CA LEU A 57 11.33 -4.92 9.47
C LEU A 57 11.52 -6.24 10.12
N ILE A 58 12.70 -6.50 10.64
CA ILE A 58 12.93 -7.77 11.27
C ILE A 58 13.44 -7.56 12.69
N GLU A 59 13.41 -8.63 13.49
CA GLU A 59 14.13 -8.62 14.77
C GLU A 59 15.01 -9.88 14.98
N SER A 60 15.90 -9.86 15.97
CA SER A 60 16.78 -10.99 16.24
C SER A 60 16.58 -11.36 17.68
N ARG A 61 16.67 -12.63 17.99
CA ARG A 61 16.66 -13.11 19.38
C ARG A 61 17.90 -13.99 19.55
N VAL A 62 18.39 -14.08 20.79
CA VAL A 62 19.52 -14.95 21.08
C VAL A 62 18.99 -16.19 21.80
N GLU A 63 19.36 -17.37 21.31
CA GLU A 63 19.06 -18.62 22.03
C GLU A 63 20.42 -19.20 22.39
N LYS A 64 20.70 -19.34 23.67
CA LYS A 64 21.94 -20.00 24.13
C LYS A 64 21.63 -21.44 24.50
N ILE A 65 22.66 -22.27 24.56
CA ILE A 65 22.57 -23.60 25.19
C ILE A 65 23.95 -24.05 25.72
N PRO A 66 24.02 -24.40 27.01
CA PRO A 66 25.35 -24.65 27.61
C PRO A 66 26.48 -25.09 26.64
N ARG A 67 27.72 -24.65 26.93
CA ARG A 67 28.93 -25.08 26.20
C ARG A 67 28.94 -24.66 24.72
N GLY A 68 27.99 -23.83 24.34
CA GLY A 68 27.84 -23.37 22.96
C GLY A 68 27.61 -21.87 22.81
N ARG A 69 28.10 -21.34 21.69
CA ARG A 69 28.09 -19.91 21.42
C ARG A 69 26.70 -19.27 21.51
N PRO A 70 26.60 -17.93 21.30
CA PRO A 70 25.27 -17.38 21.55
C PRO A 70 24.26 -17.71 20.46
N ARG A 71 24.66 -17.69 19.19
CA ARG A 71 23.75 -17.97 18.05
C ARG A 71 22.42 -17.22 18.12
N LYS A 72 22.31 -16.19 17.29
CA LYS A 72 21.09 -15.42 17.25
C LYS A 72 20.31 -15.72 15.94
N TYR A 73 18.99 -15.67 16.02
CA TYR A 73 18.14 -16.01 14.89
C TYR A 73 17.18 -14.88 14.55
N TYR A 74 16.70 -14.87 13.31
CA TYR A 74 16.09 -13.69 12.76
C TYR A 74 14.66 -13.95 12.40
N MET A 75 13.80 -12.94 12.46
CA MET A 75 12.39 -13.12 12.16
C MET A 75 11.77 -11.74 11.89
N ILE A 76 10.66 -11.70 11.13
CA ILE A 76 9.97 -10.46 10.85
C ILE A 76 9.49 -9.88 12.16
N LYS A 77 9.55 -8.56 12.32
CA LYS A 77 9.07 -7.96 13.58
C LYS A 77 7.67 -8.49 13.98
N LYS A 78 7.56 -9.00 15.22
CA LYS A 78 6.27 -9.49 15.72
C LYS A 78 5.19 -8.41 15.55
N GLY A 79 4.03 -8.82 15.01
CA GLY A 79 2.89 -7.93 14.79
C GLY A 79 2.99 -7.02 13.56
N LEU A 80 4.09 -7.04 12.82
CA LEU A 80 4.24 -6.05 11.76
C LEU A 80 3.15 -6.13 10.65
N ARG A 81 2.75 -4.96 10.22
CA ARG A 81 1.81 -4.83 9.12
C ARG A 81 2.37 -3.70 8.26
N LEU A 82 2.91 -4.07 7.12
CA LEU A 82 3.44 -3.10 6.19
C LEU A 82 2.78 -3.24 4.86
N GLU A 83 2.35 -2.10 4.37
CA GLU A 83 1.56 -1.97 3.17
C GLU A 83 2.13 -0.84 2.31
N ILE A 84 2.26 -1.10 1.03
CA ILE A 84 2.72 -0.06 0.09
C ILE A 84 1.65 0.12 -0.95
N LEU A 85 1.20 1.35 -1.11
CA LEU A 85 0.03 1.60 -1.97
C LEU A 85 0.37 2.54 -3.15
N LEU A 86 -0.15 2.20 -4.33
CA LEU A 86 -0.08 3.04 -5.50
C LEU A 86 -1.44 3.07 -6.14
N THR A 87 -1.98 4.26 -6.36
CA THR A 87 -3.13 4.43 -7.23
C THR A 87 -2.89 5.68 -8.06
N PRO A 88 -3.81 6.05 -8.96
CA PRO A 88 -3.62 7.33 -9.69
C PRO A 88 -3.48 8.58 -8.83
N THR A 89 -3.77 8.53 -7.56
CA THR A 89 -3.59 9.79 -6.81
C THR A 89 -2.85 9.62 -5.49
N LEU A 90 -2.35 8.41 -5.24
CA LEU A 90 -1.72 8.04 -3.99
C LEU A 90 -0.52 7.14 -4.25
N PHE A 91 0.62 7.46 -3.60
CA PHE A 91 1.82 6.60 -3.55
C PHE A 91 2.31 6.73 -2.13
N GLY A 92 2.06 5.68 -1.32
CA GLY A 92 2.35 5.71 0.09
C GLY A 92 2.60 4.35 0.76
N SER A 93 3.03 4.42 2.02
CA SER A 93 3.17 3.23 2.81
C SER A 93 2.58 3.46 4.18
N GLU A 94 2.21 2.39 4.86
CA GLU A 94 1.69 2.43 6.25
C GLU A 94 2.33 1.26 7.01
N MET A 95 2.78 1.54 8.21
CA MET A 95 3.37 0.55 9.06
C MET A 95 2.60 0.53 10.35
N TYR A 96 2.02 -0.59 10.72
CA TYR A 96 1.32 -0.61 12.00
C TYR A 96 1.44 -1.97 12.65
N GLU A 97 1.18 -2.01 13.95
CA GLU A 97 1.26 -3.27 14.70
C GLU A 97 -0.13 -3.87 14.84
N ALA A 98 -0.20 -5.16 14.53
CA ALA A 98 -1.37 -5.96 14.85
C ALA A 98 -1.41 -6.08 16.33
N LYS A 99 -2.40 -5.52 16.97
CA LYS A 99 -2.41 -5.52 18.44
C LYS A 99 -3.11 -4.25 18.74
N GLY A 100 -2.80 -3.26 17.91
CA GLY A 100 -3.58 -2.04 17.78
C GLY A 100 -4.91 -2.30 17.07
N VAL A 101 -5.05 -3.43 16.39
CA VAL A 101 -6.31 -3.69 15.66
C VAL A 101 -7.30 -4.54 16.47
N ARG A 102 -8.56 -4.08 16.59
CA ARG A 102 -9.59 -4.87 17.22
C ARG A 102 -9.94 -6.17 16.45
N LYS A 103 -10.41 -7.14 17.24
CA LYS A 103 -10.60 -8.45 16.66
C LYS A 103 -12.07 -8.54 16.18
N SER A 104 -12.29 -8.73 14.90
CA SER A 104 -13.65 -8.58 14.42
C SER A 104 -14.31 -9.91 14.34
N PRO A 105 -15.61 -9.95 14.01
CA PRO A 105 -16.31 -11.22 13.68
C PRO A 105 -15.72 -11.92 12.47
N GLU A 106 -15.27 -11.16 11.47
CA GLU A 106 -14.68 -11.87 10.35
C GLU A 106 -13.44 -12.60 10.83
N TYR A 107 -12.74 -12.02 11.81
CA TYR A 107 -11.44 -12.60 12.26
C TYR A 107 -11.81 -13.85 13.00
N GLU A 108 -12.85 -13.72 13.80
CA GLU A 108 -13.33 -14.90 14.50
C GLU A 108 -13.89 -16.02 13.58
N GLN A 109 -14.66 -15.69 12.57
CA GLN A 109 -15.07 -16.71 11.61
C GLN A 109 -13.97 -17.42 10.89
N ALA A 110 -12.96 -16.68 10.48
CA ALA A 110 -11.83 -17.28 9.83
C ALA A 110 -11.14 -18.18 10.83
N LYS A 111 -10.94 -17.73 12.07
CA LYS A 111 -10.24 -18.54 13.05
C LYS A 111 -11.03 -19.87 13.15
N GLU A 112 -12.35 -19.79 13.03
CA GLU A 112 -13.17 -20.95 13.28
C GLU A 112 -13.17 -21.90 12.09
N LEU A 113 -13.03 -21.37 10.88
CA LEU A 113 -12.97 -22.18 9.66
C LEU A 113 -11.66 -22.89 9.59
N ILE A 114 -10.64 -22.27 10.16
CA ILE A 114 -9.29 -22.81 10.20
C ILE A 114 -9.14 -23.96 11.20
N LYS A 115 -9.91 -23.92 12.30
CA LYS A 115 -9.76 -24.84 13.41
C LYS A 115 -10.81 -25.92 13.36
N SER A 116 -11.63 -25.92 12.31
CA SER A 116 -12.73 -26.89 12.26
C SER A 116 -12.18 -28.24 11.88
N GLN A 117 -12.83 -29.29 12.34
CA GLN A 117 -12.38 -30.66 12.05
C GLN A 117 -12.86 -31.14 10.68
N GLU A 118 -13.23 -30.20 9.82
CA GLU A 118 -13.62 -30.54 8.46
C GLU A 118 -12.39 -31.10 7.65
N PRO A 119 -12.60 -31.96 6.64
CA PRO A 119 -11.46 -32.50 5.88
C PRO A 119 -10.69 -31.50 5.02
N ILE A 120 -9.36 -31.62 5.04
CA ILE A 120 -8.39 -30.80 4.29
C ILE A 120 -8.88 -30.11 3.02
N ASN A 121 -9.76 -30.76 2.26
CA ASN A 121 -10.31 -30.20 1.00
C ASN A 121 -11.78 -29.67 1.04
N VAL A 122 -12.32 -29.34 2.19
CA VAL A 122 -13.68 -28.77 2.23
C VAL A 122 -13.46 -27.49 3.00
N LYS A 123 -12.42 -27.56 3.82
CA LYS A 123 -11.83 -26.46 4.51
C LYS A 123 -11.26 -25.50 3.45
N MET A 124 -10.34 -25.97 2.61
CA MET A 124 -9.63 -25.06 1.74
C MET A 124 -10.64 -24.32 0.89
N ARG A 125 -11.73 -25.01 0.55
CA ARG A 125 -12.70 -24.46 -0.36
C ARG A 125 -13.56 -23.49 0.41
N GLU A 126 -13.95 -23.88 1.61
CA GLU A 126 -14.63 -22.96 2.49
C GLU A 126 -13.79 -21.69 2.69
N LEU A 127 -12.51 -21.86 3.00
CA LEU A 127 -11.64 -20.77 3.25
C LEU A 127 -11.52 -19.83 2.03
N ALA A 128 -11.27 -20.40 0.85
CA ALA A 128 -11.27 -19.64 -0.41
C ALA A 128 -12.55 -18.82 -0.63
N GLU A 129 -13.72 -19.37 -0.30
CA GLU A 129 -14.96 -18.67 -0.54
C GLU A 129 -15.04 -17.45 0.33
N PHE A 130 -14.69 -17.62 1.59
CA PHE A 130 -14.69 -16.53 2.58
C PHE A 130 -13.64 -15.50 2.11
N LEU A 131 -12.50 -15.97 1.61
CA LEU A 131 -11.46 -15.04 1.10
C LEU A 131 -12.07 -14.20 -0.01
N HIS A 132 -12.79 -14.85 -0.90
CA HIS A 132 -13.28 -14.10 -2.02
C HIS A 132 -14.22 -13.06 -1.46
N GLU A 133 -14.99 -13.44 -0.48
CA GLU A 133 -15.88 -12.46 0.06
C GLU A 133 -15.19 -11.31 0.84
N LEU A 134 -14.19 -11.60 1.66
CA LEU A 134 -13.42 -10.51 2.31
C LEU A 134 -12.83 -9.58 1.27
N ASN A 135 -12.48 -10.10 0.09
CA ASN A 135 -11.81 -9.24 -0.84
C ASN A 135 -12.77 -8.31 -1.46
N GLU A 136 -13.98 -8.81 -1.77
CA GLU A 136 -14.98 -7.90 -2.30
C GLU A 136 -15.30 -6.80 -1.29
N ARG A 137 -15.42 -7.17 -0.04
CA ARG A 137 -15.80 -6.18 0.95
C ARG A 137 -14.66 -5.16 1.07
N ILE A 138 -13.43 -5.61 1.06
CA ILE A 138 -12.33 -4.64 1.00
C ILE A 138 -12.25 -3.78 -0.26
N ARG A 139 -12.45 -4.35 -1.45
CA ARG A 139 -12.56 -3.51 -2.63
C ARG A 139 -13.68 -2.44 -2.49
N GLU A 140 -14.81 -2.79 -1.87
CA GLU A 140 -15.89 -1.81 -1.66
C GLU A 140 -15.33 -0.68 -0.73
N ILE A 141 -14.70 -1.03 0.37
CA ILE A 141 -14.19 -0.06 1.36
C ILE A 141 -13.09 0.87 0.77
N ILE A 142 -12.21 0.28 -0.02
CA ILE A 142 -11.15 1.09 -0.57
C ILE A 142 -11.80 2.16 -1.46
N GLU A 143 -12.80 1.78 -2.25
CA GLU A 143 -13.46 2.74 -3.13
C GLU A 143 -14.15 3.83 -2.31
N GLU A 144 -14.79 3.41 -1.20
CA GLU A 144 -15.54 4.29 -0.35
C GLU A 144 -14.58 5.28 0.21
N LYS A 145 -13.44 4.85 0.71
CA LYS A 145 -12.41 5.76 1.20
C LYS A 145 -11.90 6.68 0.09
N ARG A 146 -11.75 6.20 -1.11
CA ARG A 146 -11.25 7.11 -2.15
C ARG A 146 -12.20 8.30 -2.40
N GLU A 147 -13.50 8.02 -2.42
CA GLU A 147 -14.53 9.03 -2.65
C GLU A 147 -14.42 10.04 -1.51
N LEU A 148 -14.29 9.54 -0.30
CA LEU A 148 -14.32 10.45 0.85
C LEU A 148 -13.13 11.40 0.81
N GLU A 149 -12.09 10.90 0.18
CA GLU A 149 -10.83 11.57 0.13
C GLU A 149 -10.85 12.63 -0.99
N GLU A 150 -11.52 12.36 -2.12
CA GLU A 150 -11.67 13.42 -3.09
C GLU A 150 -12.39 14.61 -2.38
N ALA A 151 -13.42 14.34 -1.59
CA ALA A 151 -14.13 15.39 -0.92
C ALA A 151 -13.18 16.14 0.06
N ARG A 152 -12.31 15.41 0.73
CA ARG A 152 -11.48 16.08 1.74
C ARG A 152 -10.47 16.95 1.07
N ILE A 153 -9.87 16.45 -0.02
CA ILE A 153 -8.86 17.21 -0.72
C ILE A 153 -9.48 18.38 -1.41
N LEU A 154 -10.79 18.37 -1.69
CA LEU A 154 -11.36 19.48 -2.41
C LEU A 154 -11.41 20.55 -1.36
N ILE A 155 -11.92 20.18 -0.21
CA ILE A 155 -12.06 21.12 0.89
C ILE A 155 -10.71 21.71 1.25
N GLU A 156 -9.74 20.87 1.58
CA GLU A 156 -8.45 21.39 2.01
C GLU A 156 -7.84 22.29 0.96
N THR A 157 -8.08 21.99 -0.31
CA THR A 157 -7.49 22.88 -1.31
C THR A 157 -8.20 24.22 -1.30
N TYR A 158 -9.52 24.23 -1.19
CA TYR A 158 -10.19 25.51 -1.19
C TYR A 158 -9.72 26.40 0.00
N ILE A 159 -9.72 25.83 1.20
CA ILE A 159 -9.28 26.56 2.37
C ILE A 159 -7.87 27.07 2.14
N GLU A 160 -6.94 26.21 1.72
CA GLU A 160 -5.58 26.69 1.47
C GLU A 160 -5.55 27.84 0.50
N ASN A 161 -6.28 27.72 -0.60
CA ASN A 161 -6.15 28.72 -1.64
C ASN A 161 -6.78 30.04 -1.24
N THR A 162 -7.97 29.99 -0.66
CA THR A 162 -8.67 31.19 -0.27
C THR A 162 -7.99 31.81 0.96
N MET A 163 -7.42 30.95 1.80
CA MET A 163 -6.62 31.36 2.95
C MET A 163 -5.38 32.15 2.53
N ARG A 164 -5.04 32.07 1.26
CA ARG A 164 -3.90 32.80 0.75
C ARG A 164 -4.37 34.03 -0.02
N ARG A 165 -5.21 33.83 -1.05
CA ARG A 165 -5.68 34.97 -1.81
C ARG A 165 -6.18 36.04 -0.86
N LEU A 166 -6.79 35.62 0.25
CA LEU A 166 -7.26 36.56 1.25
C LEU A 166 -6.12 37.18 2.08
N ALA A 167 -5.11 36.38 2.41
CA ALA A 167 -3.99 36.82 3.27
C ALA A 167 -3.10 37.85 2.57
N GLU A 168 -3.62 38.42 1.49
CA GLU A 168 -2.94 39.48 0.79
C GLU A 168 -3.51 40.84 1.17
N GLU A 169 -4.71 41.15 0.69
CA GLU A 169 -5.20 42.52 0.79
C GLU A 169 -5.98 42.78 2.07
N ASN A 170 -5.73 41.95 3.08
CA ASN A 170 -6.41 42.14 4.37
C ASN A 170 -6.34 40.94 5.31
N ARG A 171 -5.13 40.69 5.83
CA ARG A 171 -4.88 39.53 6.67
C ARG A 171 -5.53 39.62 8.06
N GLN A 172 -6.47 40.55 8.23
CA GLN A 172 -7.14 40.70 9.52
C GLN A 172 -8.37 39.82 9.66
N ILE A 173 -9.19 39.74 8.61
CA ILE A 173 -10.39 38.91 8.67
C ILE A 173 -10.02 37.44 8.58
N ILE A 174 -8.92 37.15 7.89
CA ILE A 174 -8.42 35.81 7.75
C ILE A 174 -7.90 35.29 9.11
N GLU A 175 -7.30 36.19 9.87
CA GLU A 175 -6.83 35.87 11.18
C GLU A 175 -8.01 35.45 12.06
N GLU A 176 -9.12 36.17 11.91
CA GLU A 176 -10.31 35.98 12.71
C GLU A 176 -10.92 34.65 12.36
N ILE A 177 -10.94 34.37 11.07
CA ILE A 177 -11.47 33.14 10.53
C ILE A 177 -10.62 31.98 11.02
N PHE A 178 -9.30 32.09 10.85
CA PHE A 178 -8.40 31.07 11.35
C PHE A 178 -8.68 30.80 12.84
N ARG A 179 -8.65 31.84 13.66
CA ARG A 179 -8.98 31.66 15.09
C ARG A 179 -10.36 30.95 15.34
N ASP A 180 -11.34 31.26 14.50
CA ASP A 180 -12.66 30.62 14.54
C ASP A 180 -12.58 29.12 14.17
N ILE A 181 -11.57 28.73 13.40
CA ILE A 181 -11.54 27.45 12.72
C ILE A 181 -10.52 26.47 13.30
N GLU A 182 -9.26 26.88 13.37
CA GLU A 182 -8.20 26.20 14.10
C GLU A 182 -8.65 25.16 15.16
N LYS A 183 -9.62 25.48 16.01
CA LYS A 183 -10.02 24.51 17.04
C LYS A 183 -10.93 23.39 16.50
N ILE A 184 -11.38 23.55 15.26
CA ILE A 184 -12.17 22.50 14.61
C ILE A 184 -11.35 21.56 13.71
N LEU A 185 -10.46 22.13 12.91
CA LEU A 185 -9.67 21.35 11.98
C LEU A 185 -8.85 20.32 12.75
N PRO A 186 -8.56 19.17 12.11
CA PRO A 186 -7.69 18.23 12.81
C PRO A 186 -6.40 18.97 13.11
N PRO A 187 -5.81 18.72 14.29
CA PRO A 187 -4.65 19.46 14.78
C PRO A 187 -3.52 19.62 13.75
N GLY A 188 -3.15 18.52 13.09
CA GLY A 188 -2.03 18.53 12.15
C GLY A 188 -2.23 19.52 11.01
N TYR A 189 -3.44 19.53 10.48
CA TYR A 189 -3.75 20.33 9.33
C TYR A 189 -3.83 21.81 9.68
N ALA A 190 -4.25 22.09 10.92
CA ALA A 190 -4.33 23.47 11.43
C ALA A 190 -2.97 24.08 11.62
N ARG A 191 -2.01 23.26 12.06
CA ARG A 191 -0.66 23.68 12.25
C ARG A 191 -0.04 23.92 10.87
N SER A 192 -0.19 22.95 9.97
CA SER A 192 0.21 23.11 8.57
C SER A 192 -0.20 24.48 8.04
N LEU A 193 -1.35 24.97 8.47
CA LEU A 193 -1.91 26.20 7.95
C LEU A 193 -1.53 27.50 8.65
N LYS A 194 -1.46 27.48 9.99
CA LYS A 194 -0.88 28.62 10.74
C LYS A 194 0.56 28.89 10.24
N GLU A 195 1.45 27.89 10.27
CA GLU A 195 2.87 28.05 9.86
C GLU A 195 3.03 27.86 8.33
N LYS A 196 2.35 28.72 7.59
CA LYS A 196 2.40 28.75 6.13
C LYS A 196 1.86 30.13 5.76
N PHE A 197 0.96 30.61 6.63
CA PHE A 197 0.66 32.04 6.85
C PHE A 197 -0.59 32.60 6.24
N MET B 1 9.09 -16.88 -3.58
CA MET B 1 8.68 -15.43 -3.73
C MET B 1 8.01 -15.21 -5.10
N GLY B 2 6.94 -14.42 -5.14
CA GLY B 2 6.24 -14.30 -6.39
C GLY B 2 7.08 -13.72 -7.52
N GLU B 3 6.71 -14.03 -8.75
CA GLU B 3 7.33 -13.39 -9.90
C GLU B 3 6.98 -11.88 -10.02
N GLU B 4 5.68 -11.57 -9.92
CA GLU B 4 5.12 -10.20 -9.85
C GLU B 4 5.83 -9.36 -8.79
N LEU B 5 5.76 -9.82 -7.54
CA LEU B 5 6.43 -9.24 -6.38
C LEU B 5 7.87 -8.86 -6.65
N ASN B 6 8.63 -9.83 -7.16
CA ASN B 6 10.02 -9.57 -7.46
C ASN B 6 10.23 -8.46 -8.49
N ARG B 7 9.52 -8.51 -9.62
CA ARG B 7 9.71 -7.47 -10.64
C ARG B 7 9.31 -6.12 -10.07
N LEU B 8 8.13 -6.06 -9.46
CA LEU B 8 7.61 -4.80 -9.00
C LEU B 8 8.57 -4.17 -8.07
N LEU B 9 9.11 -4.93 -7.12
CA LEU B 9 10.04 -4.34 -6.16
C LEU B 9 11.41 -3.92 -6.81
N ASP B 10 11.76 -4.52 -7.92
CA ASP B 10 12.91 -4.05 -8.60
C ASP B 10 12.60 -2.77 -9.32
N VAL B 11 11.41 -2.73 -9.90
CA VAL B 11 11.00 -1.54 -10.62
C VAL B 11 10.98 -0.40 -9.57
N LEU B 12 10.26 -0.55 -8.47
CA LEU B 12 10.18 0.49 -7.48
C LEU B 12 11.47 0.78 -6.73
N GLY B 13 12.51 -0.03 -6.90
CA GLY B 13 13.68 0.14 -6.03
C GLY B 13 14.63 1.24 -6.48
N ASN B 14 14.45 1.72 -7.70
CA ASN B 14 15.27 2.76 -8.27
C ASN B 14 14.64 4.07 -7.93
N GLU B 15 15.42 4.95 -7.37
CA GLU B 15 14.89 6.17 -6.82
C GLU B 15 14.33 7.06 -7.93
N THR B 16 14.91 7.01 -9.11
CA THR B 16 14.38 7.84 -10.14
C THR B 16 12.97 7.38 -10.55
N ARG B 17 12.73 6.06 -10.58
CA ARG B 17 11.39 5.61 -11.02
C ARG B 17 10.43 5.92 -9.98
N ARG B 18 10.85 5.70 -8.75
CA ARG B 18 10.00 6.08 -7.61
C ARG B 18 9.63 7.54 -7.77
N ARG B 19 10.62 8.42 -7.93
CA ARG B 19 10.33 9.86 -7.99
C ARG B 19 9.37 10.22 -9.13
N ILE B 20 9.44 9.49 -10.25
CA ILE B 20 8.52 9.70 -11.33
C ILE B 20 7.14 9.25 -10.91
N LEU B 21 7.04 8.21 -10.11
CA LEU B 21 5.68 7.76 -9.83
C LEU B 21 4.99 8.73 -8.92
N PHE B 22 5.79 9.41 -8.10
CA PHE B 22 5.21 10.35 -7.18
C PHE B 22 4.66 11.49 -7.98
N LEU B 23 5.48 12.06 -8.86
CA LEU B 23 5.04 13.11 -9.78
C LEU B 23 3.77 12.77 -10.60
N LEU B 24 3.70 11.63 -11.25
CA LEU B 24 2.46 11.31 -12.00
C LEU B 24 1.20 11.24 -11.11
N THR B 25 1.41 11.23 -9.81
CA THR B 25 0.29 11.19 -8.87
C THR B 25 -0.45 12.55 -8.74
N LYS B 26 0.26 13.62 -9.07
CA LYS B 26 -0.28 14.97 -9.06
C LYS B 26 -0.96 15.32 -10.37
N ARG B 27 -0.39 14.87 -11.47
CA ARG B 27 -0.96 15.14 -12.75
C ARG B 27 -0.12 14.44 -13.82
N PRO B 28 -0.64 14.31 -15.06
CA PRO B 28 0.18 13.79 -16.16
C PRO B 28 1.38 14.65 -16.43
N TYR B 29 2.48 14.09 -16.92
CA TYR B 29 3.67 14.88 -17.26
C TYR B 29 4.15 14.53 -18.68
N PHE B 30 4.80 15.49 -19.34
CA PHE B 30 5.55 15.32 -20.57
C PHE B 30 6.96 15.10 -20.12
N VAL B 31 7.75 14.42 -20.93
CA VAL B 31 9.10 14.04 -20.57
C VAL B 31 9.95 15.23 -20.23
N SER B 32 9.78 16.35 -20.92
CA SER B 32 10.66 17.48 -20.69
C SER B 32 10.44 18.04 -19.28
N GLU B 33 9.16 18.10 -18.89
CA GLU B 33 8.78 18.54 -17.56
C GLU B 33 9.45 17.66 -16.51
N LEU B 34 9.40 16.33 -16.69
CA LEU B 34 9.97 15.37 -15.71
C LEU B 34 11.47 15.58 -15.59
N SER B 35 12.08 15.78 -16.74
CA SER B 35 13.50 15.94 -16.84
C SER B 35 13.99 17.09 -16.01
N ARG B 36 13.38 18.26 -16.21
CA ARG B 36 13.74 19.49 -15.48
C ARG B 36 13.52 19.38 -13.97
N GLU B 37 12.27 19.12 -13.59
CA GLU B 37 11.84 18.94 -12.20
C GLU B 37 12.77 17.96 -11.47
N LEU B 38 13.08 16.82 -12.10
CA LEU B 38 13.99 15.83 -11.50
C LEU B 38 15.49 16.11 -11.78
N GLY B 39 15.76 16.99 -12.75
CA GLY B 39 17.13 17.21 -13.19
C GLY B 39 17.82 15.90 -13.53
N VAL B 40 17.22 15.09 -14.41
CA VAL B 40 17.88 13.85 -14.75
C VAL B 40 18.38 13.83 -16.16
N GLY B 41 17.53 14.14 -17.13
CA GLY B 41 18.00 14.05 -18.54
C GLY B 41 17.01 13.21 -19.30
N GLN B 42 16.62 13.68 -20.48
CA GLN B 42 15.50 13.05 -21.19
C GLN B 42 15.80 11.63 -21.70
N LYS B 43 17.08 11.32 -21.89
CA LYS B 43 17.52 9.95 -22.19
C LYS B 43 17.11 8.94 -21.07
N ALA B 44 17.51 9.23 -19.84
CA ALA B 44 17.28 8.33 -18.72
C ALA B 44 15.79 8.32 -18.43
N VAL B 45 15.17 9.47 -18.49
CA VAL B 45 13.76 9.50 -18.10
C VAL B 45 12.94 8.57 -19.04
N LEU B 46 13.08 8.78 -20.37
CA LEU B 46 12.40 7.97 -21.39
C LEU B 46 12.54 6.47 -21.12
N GLU B 47 13.72 6.11 -20.62
CA GLU B 47 14.09 4.74 -20.27
C GLU B 47 13.40 4.27 -19.00
N HIS B 48 13.36 5.11 -17.98
CA HIS B 48 12.61 4.76 -16.78
C HIS B 48 11.13 4.62 -17.11
N LEU B 49 10.60 5.64 -17.77
CA LEU B 49 9.20 5.57 -18.16
C LEU B 49 8.90 4.25 -18.91
N ARG B 50 9.79 3.87 -19.82
CA ARG B 50 9.65 2.63 -20.52
C ARG B 50 9.50 1.47 -19.51
N ILE B 51 10.32 1.49 -18.46
CA ILE B 51 10.41 0.37 -17.57
C ILE B 51 9.12 0.25 -16.81
N LEU B 52 8.55 1.41 -16.48
CA LEU B 52 7.32 1.53 -15.71
C LEU B 52 6.12 1.16 -16.56
N GLU B 53 6.17 1.48 -17.85
CA GLU B 53 5.09 1.07 -18.71
C GLU B 53 5.03 -0.44 -18.85
N GLU B 54 6.18 -1.10 -18.91
CA GLU B 54 6.23 -2.56 -19.11
C GLU B 54 5.78 -3.26 -17.88
N ALA B 55 6.00 -2.64 -16.75
CA ALA B 55 5.57 -3.19 -15.52
C ALA B 55 4.07 -2.91 -15.29
N GLY B 56 3.44 -2.22 -16.24
CA GLY B 56 2.01 -2.03 -16.22
C GLY B 56 1.62 -0.97 -15.20
N LEU B 57 2.56 -0.18 -14.71
CA LEU B 57 2.20 0.88 -13.76
C LEU B 57 1.77 2.18 -14.39
N ILE B 58 2.26 2.53 -15.58
CA ILE B 58 1.84 3.79 -16.16
C ILE B 58 1.41 3.57 -17.61
N GLU B 59 0.73 4.56 -18.20
CA GLU B 59 0.48 4.56 -19.65
C GLU B 59 0.77 5.92 -20.28
N SER B 60 0.75 6.01 -21.61
CA SER B 60 1.17 7.20 -22.31
C SER B 60 0.08 7.44 -23.28
N ARG B 61 -0.19 8.67 -23.64
CA ARG B 61 -1.15 8.97 -24.68
C ARG B 61 -0.51 10.09 -25.51
N VAL B 62 -1.00 10.29 -26.72
CA VAL B 62 -0.38 11.23 -27.61
C VAL B 62 -1.39 12.33 -27.93
N GLU B 63 -0.94 13.57 -27.83
CA GLU B 63 -1.82 14.68 -28.05
C GLU B 63 -1.14 15.48 -29.17
N LYS B 64 -1.79 15.59 -30.32
CA LYS B 64 -1.20 16.35 -31.42
C LYS B 64 -1.87 17.71 -31.48
N ILE B 65 -1.24 18.64 -32.19
CA ILE B 65 -1.76 20.00 -32.35
C ILE B 65 -1.18 20.63 -33.63
N PRO B 66 -2.03 20.93 -34.62
CA PRO B 66 -1.53 21.25 -35.96
C PRO B 66 -0.12 21.91 -35.97
N ARG B 67 0.67 21.62 -37.01
CA ARG B 67 2.02 22.24 -37.20
C ARG B 67 3.06 21.87 -36.13
N GLY B 68 2.70 20.98 -35.21
CA GLY B 68 3.60 20.57 -34.13
C GLY B 68 3.82 19.07 -34.06
N ARG B 69 5.02 18.70 -33.59
CA ARG B 69 5.36 17.28 -33.31
C ARG B 69 4.29 16.52 -32.49
N PRO B 70 4.46 15.18 -32.39
CA PRO B 70 3.46 14.39 -31.68
C PRO B 70 3.31 14.76 -30.19
N ARG B 71 4.41 14.81 -29.45
CA ARG B 71 4.38 15.02 -27.97
C ARG B 71 3.41 14.06 -27.19
N LYS B 72 4.00 13.09 -26.52
CA LYS B 72 3.21 12.18 -25.72
C LYS B 72 3.39 12.43 -24.22
N TYR B 73 2.34 12.17 -23.45
CA TYR B 73 2.29 12.47 -22.02
C TYR B 73 2.04 11.21 -21.21
N TYR B 74 2.44 11.22 -19.95
CA TYR B 74 2.44 9.98 -19.14
C TYR B 74 1.57 10.08 -17.91
N MET B 75 0.91 9.01 -17.55
CA MET B 75 0.03 9.01 -16.37
C MET B 75 0.03 7.62 -15.80
N ILE B 76 -0.35 7.55 -14.52
CA ILE B 76 -0.53 6.30 -13.78
C ILE B 76 -1.66 5.54 -14.46
N LYS B 77 -1.52 4.24 -14.69
CA LYS B 77 -2.51 3.51 -15.42
C LYS B 77 -3.90 3.80 -14.80
N LYS B 78 -4.85 4.12 -15.63
CA LYS B 78 -6.15 4.48 -15.15
C LYS B 78 -6.80 3.25 -14.46
N GLY B 79 -7.44 3.51 -13.30
CA GLY B 79 -8.08 2.52 -12.44
C GLY B 79 -7.14 1.68 -11.57
N LEU B 80 -5.82 1.97 -11.64
CA LEU B 80 -4.81 1.15 -10.96
C LEU B 80 -5.01 1.11 -9.44
N ARG B 81 -4.93 -0.10 -8.88
CA ARG B 81 -4.90 -0.30 -7.45
C ARG B 81 -3.84 -1.33 -7.23
N LEU B 82 -2.76 -0.92 -6.57
CA LEU B 82 -1.62 -1.80 -6.33
C LEU B 82 -1.40 -1.77 -4.84
N GLU B 83 -1.23 -2.93 -4.24
CA GLU B 83 -0.85 -3.02 -2.84
C GLU B 83 0.20 -4.11 -2.62
N ILE B 84 1.24 -3.79 -1.87
CA ILE B 84 2.29 -4.72 -1.52
C ILE B 84 2.22 -4.88 0.00
N LEU B 85 2.13 -6.12 0.47
CA LEU B 85 1.92 -6.42 1.88
C LEU B 85 3.04 -7.32 2.46
N LEU B 86 3.42 -6.97 3.68
CA LEU B 86 4.44 -7.67 4.48
C LEU B 86 4.02 -7.72 5.97
N THR B 87 3.93 -8.95 6.46
CA THR B 87 3.50 -9.26 7.81
C THR B 87 4.35 -10.47 8.19
N PRO B 88 4.34 -10.87 9.46
CA PRO B 88 5.19 -12.05 9.75
C PRO B 88 4.94 -13.36 9.00
N THR B 89 3.86 -13.51 8.26
CA THR B 89 3.63 -14.79 7.57
C THR B 89 3.35 -14.62 6.09
N LEU B 90 3.21 -13.36 5.64
CA LEU B 90 2.88 -12.99 4.26
C LEU B 90 3.79 -11.94 3.67
N PHE B 91 4.11 -12.17 2.41
CA PHE B 91 4.83 -11.22 1.65
C PHE B 91 4.32 -11.34 0.23
N GLY B 92 3.47 -10.40 -0.19
CA GLY B 92 2.94 -10.41 -1.58
C GLY B 92 2.35 -9.09 -2.06
N SER B 93 1.75 -9.12 -3.25
CA SER B 93 1.20 -7.93 -3.87
C SER B 93 0.02 -8.29 -4.67
N GLU B 94 -0.92 -7.38 -4.78
CA GLU B 94 -2.06 -7.56 -5.66
C GLU B 94 -2.16 -6.33 -6.53
N MET B 95 -2.53 -6.53 -7.76
CA MET B 95 -2.73 -5.44 -8.67
C MET B 95 -4.09 -5.66 -9.30
N TYR B 96 -4.91 -4.63 -9.37
CA TYR B 96 -6.19 -4.79 -9.99
C TYR B 96 -6.74 -3.48 -10.43
N GLU B 97 -7.82 -3.53 -11.21
CA GLU B 97 -8.44 -2.32 -11.71
C GLU B 97 -9.71 -2.00 -10.97
N ALA B 98 -9.92 -0.72 -10.65
CA ALA B 98 -11.14 -0.33 -9.97
C ALA B 98 -12.14 0.05 -11.04
N LYS B 99 -13.39 -0.42 -10.93
CA LYS B 99 -14.47 0.01 -11.84
C LYS B 99 -14.42 1.54 -11.96
N GLY B 100 -14.35 2.03 -13.19
CA GLY B 100 -13.87 3.39 -13.45
C GLY B 100 -14.83 4.57 -13.31
N VAL B 101 -15.71 4.56 -12.29
CA VAL B 101 -16.70 5.64 -12.12
C VAL B 101 -16.95 6.09 -10.67
N ARG B 102 -17.82 7.09 -10.55
CA ARG B 102 -18.41 7.53 -9.27
C ARG B 102 -17.73 8.75 -8.60
N LYS B 103 -18.54 9.81 -8.47
CA LYS B 103 -18.30 11.03 -7.74
C LYS B 103 -19.40 11.07 -6.67
N SER B 104 -19.00 11.11 -5.41
CA SER B 104 -19.91 10.84 -4.31
C SER B 104 -20.72 12.05 -3.90
N PRO B 105 -21.79 11.80 -3.16
CA PRO B 105 -22.59 12.78 -2.44
C PRO B 105 -21.71 13.76 -1.65
N GLU B 106 -20.77 13.22 -0.89
CA GLU B 106 -19.90 14.09 -0.08
C GLU B 106 -19.11 15.09 -0.92
N TYR B 107 -18.53 14.60 -2.02
CA TYR B 107 -17.90 15.46 -3.03
C TYR B 107 -18.89 16.54 -3.53
N GLU B 108 -20.14 16.14 -3.72
CA GLU B 108 -21.15 17.02 -4.22
C GLU B 108 -21.53 18.04 -3.15
N GLN B 109 -21.63 17.57 -1.91
CA GLN B 109 -21.92 18.50 -0.82
C GLN B 109 -20.81 19.54 -0.63
N ALA B 110 -19.55 19.12 -0.75
CA ALA B 110 -18.42 20.03 -0.59
C ALA B 110 -18.36 20.99 -1.75
N LYS B 111 -18.54 20.48 -2.94
CA LYS B 111 -18.67 21.32 -4.11
C LYS B 111 -19.67 22.43 -3.75
N GLU B 112 -20.78 22.02 -3.13
CA GLU B 112 -21.88 22.92 -2.79
C GLU B 112 -21.54 23.98 -1.71
N LEU B 113 -20.77 23.59 -0.71
CA LEU B 113 -20.46 24.52 0.35
C LEU B 113 -19.44 25.45 -0.16
N ILE B 114 -18.71 25.04 -1.20
CA ILE B 114 -17.66 25.89 -1.75
C ILE B 114 -18.28 26.98 -2.62
N LYS B 115 -19.42 26.68 -3.20
CA LYS B 115 -19.99 27.48 -4.25
C LYS B 115 -21.03 28.43 -3.73
N SER B 116 -21.40 28.24 -2.47
CA SER B 116 -22.48 29.01 -1.87
C SER B 116 -22.05 30.43 -1.67
N GLN B 117 -23.00 31.37 -1.71
CA GLN B 117 -22.68 32.80 -1.56
C GLN B 117 -22.80 33.26 -0.12
N GLU B 118 -22.57 32.31 0.79
CA GLU B 118 -22.43 32.53 2.21
C GLU B 118 -21.17 33.37 2.42
N PRO B 119 -21.15 34.24 3.46
CA PRO B 119 -19.94 35.03 3.71
C PRO B 119 -18.72 34.24 4.19
N ILE B 120 -17.58 34.54 3.56
CA ILE B 120 -16.24 33.96 3.72
C ILE B 120 -15.91 33.34 5.08
N ASN B 121 -16.53 33.83 6.15
CA ASN B 121 -16.31 33.28 7.51
C ASN B 121 -17.43 32.38 8.07
N VAL B 122 -18.44 32.06 7.26
CA VAL B 122 -19.52 31.14 7.65
C VAL B 122 -19.30 29.92 6.80
N LYS B 123 -18.79 30.20 5.61
CA LYS B 123 -18.27 29.24 4.71
C LYS B 123 -17.15 28.42 5.40
N MET B 124 -16.09 29.10 5.79
CA MET B 124 -14.93 28.43 6.30
C MET B 124 -15.30 27.53 7.47
N ARG B 125 -16.22 28.01 8.28
CA ARG B 125 -16.62 27.30 9.49
C ARG B 125 -17.42 26.09 9.07
N GLU B 126 -18.35 26.33 8.17
CA GLU B 126 -19.09 25.24 7.56
C GLU B 126 -18.13 24.20 6.93
N LEU B 127 -17.17 24.66 6.15
CA LEU B 127 -16.24 23.73 5.54
C LEU B 127 -15.47 22.97 6.61
N ALA B 128 -14.99 23.69 7.62
CA ALA B 128 -14.23 23.08 8.67
C ALA B 128 -14.98 21.97 9.35
N GLU B 129 -16.25 22.18 9.67
CA GLU B 129 -17.03 21.15 10.35
C GLU B 129 -17.17 19.94 9.47
N PHE B 130 -17.53 20.17 8.21
CA PHE B 130 -17.70 19.05 7.29
C PHE B 130 -16.38 18.25 7.14
N LEU B 131 -15.27 18.95 7.03
CA LEU B 131 -13.97 18.28 7.05
C LEU B 131 -13.78 17.39 8.29
N HIS B 132 -14.08 17.93 9.45
CA HIS B 132 -13.98 17.14 10.63
C HIS B 132 -14.78 15.86 10.47
N GLU B 133 -15.92 15.95 9.81
CA GLU B 133 -16.81 14.82 9.75
C GLU B 133 -16.35 13.77 8.73
N LEU B 134 -15.89 14.22 7.55
CA LEU B 134 -15.14 13.34 6.65
C LEU B 134 -13.98 12.65 7.33
N ASN B 135 -13.30 13.36 8.24
CA ASN B 135 -12.11 12.75 8.82
C ASN B 135 -12.51 11.60 9.73
N GLU B 136 -13.57 11.80 10.51
CA GLU B 136 -14.04 10.76 11.41
C GLU B 136 -14.48 9.58 10.58
N ARG B 137 -15.20 9.83 9.49
CA ARG B 137 -15.68 8.72 8.67
C ARG B 137 -14.49 8.03 8.05
N ILE B 138 -13.45 8.79 7.76
CA ILE B 138 -12.27 8.13 7.20
C ILE B 138 -11.53 7.29 8.23
N ARG B 139 -11.45 7.75 9.46
CA ARG B 139 -10.88 6.89 10.52
C ARG B 139 -11.69 5.60 10.68
N GLU B 140 -13.00 5.60 10.56
CA GLU B 140 -13.75 4.40 10.81
C GLU B 140 -13.54 3.39 9.70
N ILE B 141 -13.58 3.86 8.45
CA ILE B 141 -13.27 3.02 7.27
C ILE B 141 -11.88 2.42 7.44
N ILE B 142 -10.91 3.22 7.84
CA ILE B 142 -9.52 2.74 7.74
C ILE B 142 -9.40 1.65 8.71
N GLU B 143 -10.09 1.78 9.86
CA GLU B 143 -10.12 0.75 10.90
C GLU B 143 -10.86 -0.53 10.48
N GLU B 144 -12.08 -0.33 9.93
CA GLU B 144 -12.83 -1.39 9.32
C GLU B 144 -11.97 -2.19 8.37
N LYS B 145 -11.19 -1.53 7.50
CA LYS B 145 -10.34 -2.25 6.53
C LYS B 145 -9.25 -3.06 7.26
N ARG B 146 -8.64 -2.44 8.23
CA ARG B 146 -7.55 -3.07 9.01
C ARG B 146 -8.13 -4.37 9.64
N GLU B 147 -9.32 -4.31 10.21
CA GLU B 147 -9.95 -5.52 10.75
C GLU B 147 -10.22 -6.58 9.69
N LEU B 148 -10.66 -6.18 8.49
CA LEU B 148 -10.98 -7.13 7.46
C LEU B 148 -9.70 -7.79 7.01
N GLU B 149 -8.63 -6.99 7.05
CA GLU B 149 -7.32 -7.40 6.59
C GLU B 149 -6.69 -8.46 7.54
N GLU B 150 -6.92 -8.30 8.84
CA GLU B 150 -6.52 -9.36 9.77
C GLU B 150 -7.08 -10.71 9.36
N ALA B 151 -8.32 -10.72 8.92
CA ALA B 151 -8.93 -11.96 8.58
C ALA B 151 -8.37 -12.45 7.28
N ARG B 152 -8.13 -11.55 6.30
CA ARG B 152 -7.60 -12.02 5.00
C ARG B 152 -6.19 -12.61 5.24
N ILE B 153 -5.41 -11.96 6.15
CA ILE B 153 -4.04 -12.38 6.47
C ILE B 153 -4.03 -13.79 7.03
N LEU B 154 -5.00 -14.04 7.89
CA LEU B 154 -5.02 -15.24 8.64
C LEU B 154 -5.33 -16.36 7.66
N ILE B 155 -6.29 -16.13 6.75
CA ILE B 155 -6.67 -17.08 5.72
C ILE B 155 -5.51 -17.32 4.77
N GLU B 156 -4.89 -16.27 4.20
CA GLU B 156 -3.82 -16.52 3.18
C GLU B 156 -2.65 -17.27 3.83
N THR B 157 -2.51 -17.08 5.13
CA THR B 157 -1.38 -17.68 5.82
C THR B 157 -1.64 -19.20 5.95
N TYR B 158 -2.85 -19.53 6.37
CA TYR B 158 -3.22 -20.92 6.54
C TYR B 158 -3.04 -21.69 5.22
N ILE B 159 -3.66 -21.17 4.18
CA ILE B 159 -3.62 -21.70 2.87
C ILE B 159 -2.19 -21.96 2.42
N GLU B 160 -1.32 -20.97 2.58
CA GLU B 160 0.05 -21.14 2.04
C GLU B 160 0.73 -22.21 2.84
N ASN B 161 0.43 -22.28 4.12
CA ASN B 161 1.18 -23.15 5.00
C ASN B 161 0.80 -24.58 4.80
N THR B 162 -0.51 -24.80 4.82
CA THR B 162 -1.11 -26.11 4.62
C THR B 162 -0.80 -26.58 3.22
N MET B 163 -0.71 -25.63 2.28
CA MET B 163 -0.37 -25.89 0.87
C MET B 163 1.05 -26.41 0.74
N ARG B 164 1.84 -26.17 1.77
CA ARG B 164 3.20 -26.64 1.77
C ARG B 164 3.31 -27.91 2.62
N ARG B 165 2.95 -27.85 3.90
CA ARG B 165 2.99 -29.04 4.74
C ARG B 165 2.54 -30.26 3.95
N LEU B 166 1.50 -30.05 3.17
CA LEU B 166 0.92 -31.16 2.47
C LEU B 166 1.56 -31.47 1.12
N ALA B 167 2.14 -30.46 0.47
CA ALA B 167 2.89 -30.70 -0.78
C ALA B 167 4.20 -31.48 -0.57
N GLU B 168 4.33 -32.11 0.60
CA GLU B 168 5.47 -32.99 0.86
C GLU B 168 5.11 -34.46 0.70
N GLU B 169 4.37 -35.01 1.66
CA GLU B 169 4.17 -36.47 1.68
C GLU B 169 2.98 -36.95 0.81
N ASN B 170 2.49 -36.10 -0.09
CA ASN B 170 1.41 -36.49 -1.02
C ASN B 170 0.86 -35.36 -1.88
N ARG B 171 1.65 -34.97 -2.89
CA ARG B 171 1.35 -33.86 -3.80
C ARG B 171 0.13 -34.09 -4.72
N GLN B 172 -0.60 -35.17 -4.45
CA GLN B 172 -1.69 -35.55 -5.32
C GLN B 172 -3.00 -34.89 -4.92
N ILE B 173 -3.29 -34.89 -3.63
CA ILE B 173 -4.55 -34.34 -3.14
C ILE B 173 -4.48 -32.84 -3.19
N ILE B 174 -3.27 -32.30 -3.03
CA ILE B 174 -3.02 -30.86 -3.12
C ILE B 174 -3.31 -30.31 -4.53
N GLU B 175 -2.86 -31.05 -5.54
CA GLU B 175 -3.17 -30.73 -6.91
C GLU B 175 -4.67 -30.71 -7.19
N GLU B 176 -5.41 -31.59 -6.53
CA GLU B 176 -6.86 -31.64 -6.67
C GLU B 176 -7.48 -30.41 -6.01
N ILE B 177 -6.91 -30.02 -4.88
CA ILE B 177 -7.41 -28.94 -4.10
C ILE B 177 -7.14 -27.70 -4.88
N PHE B 178 -5.90 -27.56 -5.30
CA PHE B 178 -5.57 -26.44 -6.11
C PHE B 178 -6.54 -26.31 -7.30
N ARG B 179 -6.67 -27.38 -8.05
CA ARG B 179 -7.63 -27.37 -9.15
C ARG B 179 -9.07 -26.97 -8.70
N ASP B 180 -9.50 -27.39 -7.51
CA ASP B 180 -10.81 -27.04 -6.97
C ASP B 180 -10.93 -25.55 -6.64
N ILE B 181 -9.80 -24.91 -6.34
CA ILE B 181 -9.74 -23.64 -5.63
C ILE B 181 -9.29 -22.48 -6.51
N GLU B 182 -8.19 -22.67 -7.24
CA GLU B 182 -7.75 -21.68 -8.21
C GLU B 182 -8.83 -20.81 -8.89
N LYS B 183 -9.99 -21.39 -9.21
CA LYS B 183 -10.98 -20.62 -9.99
C LYS B 183 -11.80 -19.69 -9.07
N ILE B 184 -11.60 -19.87 -7.77
CA ILE B 184 -12.28 -19.06 -6.77
C ILE B 184 -11.40 -17.95 -6.21
N LEU B 185 -10.15 -18.27 -5.89
CA LEU B 185 -9.22 -17.30 -5.38
C LEU B 185 -9.04 -16.16 -6.37
N PRO B 186 -8.78 -14.92 -5.89
CA PRO B 186 -8.44 -13.86 -6.85
C PRO B 186 -7.27 -14.31 -7.71
N PRO B 187 -7.42 -14.18 -9.01
CA PRO B 187 -6.39 -14.52 -10.00
C PRO B 187 -4.91 -14.35 -9.56
N GLY B 188 -4.57 -13.23 -8.96
CA GLY B 188 -3.17 -12.94 -8.65
C GLY B 188 -2.68 -13.87 -7.57
N TYR B 189 -3.52 -14.06 -6.58
CA TYR B 189 -3.15 -14.88 -5.43
C TYR B 189 -2.95 -16.33 -5.84
N ALA B 190 -3.76 -16.78 -6.81
CA ALA B 190 -3.71 -18.12 -7.36
C ALA B 190 -2.51 -18.41 -8.25
N ARG B 191 -1.99 -17.38 -8.90
CA ARG B 191 -0.78 -17.56 -9.65
C ARG B 191 0.39 -17.60 -8.68
N SER B 192 0.35 -16.71 -7.71
CA SER B 192 1.33 -16.69 -6.65
C SER B 192 1.50 -18.11 -6.04
N LEU B 193 0.40 -18.78 -5.78
CA LEU B 193 0.42 -20.14 -5.26
C LEU B 193 0.93 -21.22 -6.24
N LYS B 194 0.35 -21.27 -7.44
CA LYS B 194 0.73 -22.25 -8.44
C LYS B 194 2.24 -22.24 -8.66
N GLU B 195 2.78 -21.06 -8.89
CA GLU B 195 4.19 -20.92 -9.15
C GLU B 195 4.93 -20.65 -7.85
N LYS B 196 4.84 -21.64 -6.97
CA LYS B 196 5.46 -21.61 -5.66
C LYS B 196 5.49 -23.05 -5.15
N PHE B 197 4.44 -23.79 -5.47
CA PHE B 197 4.23 -25.07 -4.82
C PHE B 197 3.83 -26.19 -5.72
N LEU B 198 4.10 -25.97 -7.02
CA LEU B 198 3.54 -26.70 -8.17
C LEU B 198 4.32 -26.29 -9.42
#